data_8SWB
#
_entry.id   8SWB
#
_cell.length_a   46.545
_cell.length_b   52.939
_cell.length_c   106.008
_cell.angle_alpha   90.00
_cell.angle_beta   90.00
_cell.angle_gamma   90.00
#
_symmetry.space_group_name_H-M   'P 21 21 21'
#
loop_
_entity.id
_entity.type
_entity.pdbx_description
1 polymer 'Ribonuclease H1'
2 polymer "RNA (5'-R(*UP*GP*GP*CP*GP*AP*GP*UP*GP*GP*GP*UP*GP*AP*GP*UP*GP*AP*GP*G)-3')"
3 polymer "DNA (5'-R(*(OMC)P*(N7X)P*(T39)P*(C5L)P*(A2M))-D(P*(SC)P*(PST)P*(SC)P*AP*(SC)P*(SC)P*(RC)P*(AS)P*(SC)P*(PST))-R(P*(6OO)P*(RFJ)P*(6OO)P*(6OO)P*(6NW))-3')"
4 non-polymer GLYCEROL
5 non-polymer 'PHOSPHATE ION'
6 non-polymer DI(HYDROXYETHYL)ETHER
7 water water
#
loop_
_entity_poly.entity_id
_entity_poly.type
_entity_poly.pdbx_seq_one_letter_code
_entity_poly.pdbx_strand_id
1 'polypeptide(L)'
;GDFVVVYTDGCCSSNGRRRPRAGIGVYWGPGHPLNVGIRLPGRQTNQRAEIHAACKAIEQAKTQNINKLVLYTNSMFTIN
GITNWVQGWKKNGWKTSAGKEVINKEDFVALERLTQGMDIQWMHVPGHSGFIGNEEADRLAREGAKQSE
;
A
2 'polyribonucleotide' UGGCGAGUGGGUGAGUGAGG B
3 'polydeoxyribonucleotide'
;(OMC)(N7X)(T39)(C5L)(A2M)(SC)(PST)(SC)(DA)(SC)(SC)(C7R)(AS)(SC)(PST)(OKQ)(RFJ)
(OKQ)(OKQ)(6NW)
;
D
#
loop_
_chem_comp.id
_chem_comp.type
_chem_comp.name
_chem_comp.formula
6NW RNA linking 2'-O-methyl-5'-O-thiophosphonoadenosine 'C11 H16 N5 O6 P S'
A RNA linking ADENOSINE-5'-MONOPHOSPHATE 'C10 H14 N5 O7 P'
A2M RNA linking '2'-O-methyladenosine 5'-(dihydrogen phosphate)' 'C11 H16 N5 O7 P'
AS DNA linking '2-DEOXY-ADENOSINE -5'-THIO-MONOPHOSPHATE' 'C10 H14 N5 O5 P S'
C RNA linking CYTIDINE-5'-MONOPHOSPHATE 'C9 H14 N3 O8 P'
C5L RNA linking '2'-O-(2-methoxyethyl)-5-methylcytidine 5'-(dihydrogen phosphate)' 'C13 H22 N3 O9 P'
C7R DNA linking 2'-deoxy-5'-O-thiophosphonocytidine 'C9 H14 N3 O6 P S'
DA DNA linking 2'-DEOXYADENOSINE-5'-MONOPHOSPHATE 'C10 H14 N5 O6 P'
G RNA linking GUANOSINE-5'-MONOPHOSPHATE 'C10 H14 N5 O8 P'
GOL non-polymer GLYCEROL 'C3 H8 O3'
N7X RNA linking 5'-O-[(R)-hydroxy(sulfanylidene)-lambda~5~-phosphanyl]-2'-O-(2-methoxyethyl)-5-methylcytidine 'C13 H22 N3 O8 P S'
OKQ DNA linking 2'-O-methylcytidine-5'-phosphorothioate 'C10 H16 N3 O7 P S'
OMC RNA linking O2'-METHYLYCYTIDINE-5'-MONOPHOSPHATE 'C10 H16 N3 O8 P'
PEG non-polymer DI(HYDROXYETHYL)ETHER 'C4 H10 O3'
PO4 non-polymer 'PHOSPHATE ION' 'O4 P -3'
PST DNA linking THYMIDINE-5'-THIOPHOSPHATE 'C10 H15 N2 O7 P S'
RFJ RNA linking 2'-O-methyl-5'-O-thiophosphonoguanosine 'C11 H16 N5 O7 P S'
SC DNA linking 2-DEOXY-CYTIDINE-5'-THIOPHOSPHORATE 'C9 H14 N3 O6 P S'
T39 RNA linking '2'-O-METHOXYETHYLENE THYMIDINE 5'-MONOPHOSPHATE' 'C13 H21 N2 O10 P'
U RNA linking URIDINE-5'-MONOPHOSPHATE 'C9 H13 N2 O9 P'
#
# COMPACT_ATOMS: atom_id res chain seq x y z
N GLY A 1 -20.05 9.05 -6.79
CA GLY A 1 -19.97 8.51 -8.12
C GLY A 1 -19.80 7.00 -8.11
N ASP A 2 -19.45 6.42 -9.26
CA ASP A 2 -19.20 4.99 -9.33
C ASP A 2 -17.83 4.65 -8.75
N PHE A 3 -17.81 3.86 -7.68
CA PHE A 3 -16.57 3.46 -7.02
C PHE A 3 -16.13 2.08 -7.46
N VAL A 4 -14.83 1.82 -7.39
CA VAL A 4 -14.24 0.54 -7.75
C VAL A 4 -13.46 -0.02 -6.56
N VAL A 5 -13.67 -1.30 -6.27
CA VAL A 5 -13.04 -1.93 -5.11
C VAL A 5 -11.70 -2.55 -5.53
N VAL A 6 -10.67 -2.33 -4.72
CA VAL A 6 -9.37 -2.94 -4.95
C VAL A 6 -8.79 -3.39 -3.62
N TYR A 7 -8.05 -4.50 -3.66
CA TYR A 7 -7.41 -5.08 -2.49
C TYR A 7 -5.90 -5.00 -2.67
N THR A 8 -5.21 -4.53 -1.63
CA THR A 8 -3.77 -4.32 -1.69
C THR A 8 -3.13 -5.01 -0.50
N ASP A 9 -1.89 -5.45 -0.70
CA ASP A 9 -1.16 -6.04 0.41
C ASP A 9 0.33 -5.85 0.18
N GLY A 10 1.04 -5.54 1.26
CA GLY A 10 2.48 -5.55 1.25
C GLY A 10 2.97 -6.61 2.22
N CYS A 11 3.91 -7.45 1.79
CA CYS A 11 4.46 -8.52 2.61
C CYS A 11 5.97 -8.37 2.63
N CYS A 12 6.62 -9.10 3.56
CA CYS A 12 8.08 -9.06 3.64
C CYS A 12 8.53 -10.30 4.40
N SER A 13 9.07 -11.27 3.67
N SER A 13 9.06 -11.28 3.66
CA SER A 13 9.67 -12.39 4.34
CA SER A 13 9.70 -12.41 4.31
C SER A 13 10.96 -11.94 5.02
C SER A 13 10.97 -11.95 5.00
N SER A 14 11.26 -12.54 6.16
CA SER A 14 12.43 -12.17 6.96
C SER A 14 12.40 -10.69 7.37
N ASN A 15 11.21 -10.19 7.68
CA ASN A 15 11.08 -8.80 8.16
C ASN A 15 11.82 -8.65 9.47
N GLY A 16 12.83 -7.78 9.48
CA GLY A 16 13.67 -7.57 10.63
C GLY A 16 14.87 -8.48 10.71
N ARG A 17 15.06 -9.35 9.72
CA ARG A 17 16.13 -10.33 9.68
C ARG A 17 17.18 -9.91 8.65
N ARG A 18 18.14 -10.80 8.40
CA ARG A 18 19.33 -10.43 7.65
C ARG A 18 19.06 -10.28 6.15
N ARG A 19 18.07 -10.99 5.61
CA ARG A 19 17.80 -10.99 4.16
C ARG A 19 16.31 -10.83 3.89
N PRO A 20 15.73 -9.67 4.22
CA PRO A 20 14.29 -9.48 3.99
C PRO A 20 13.98 -9.38 2.51
N ARG A 21 12.78 -9.82 2.14
CA ARG A 21 12.33 -9.79 0.74
C ARG A 21 10.89 -9.29 0.73
N ALA A 22 10.68 -8.07 0.27
CA ALA A 22 9.38 -7.40 0.34
C ALA A 22 8.66 -7.48 -1.01
N GLY A 23 7.35 -7.68 -0.97
CA GLY A 23 6.57 -7.77 -2.19
C GLY A 23 5.23 -7.06 -2.03
N ILE A 24 4.69 -6.58 -3.15
CA ILE A 24 3.40 -5.90 -3.14
C ILE A 24 2.41 -6.68 -3.99
N GLY A 25 1.16 -6.66 -3.56
CA GLY A 25 0.09 -7.33 -4.28
C GLY A 25 -1.09 -6.41 -4.47
N VAL A 26 -1.64 -6.35 -5.68
CA VAL A 26 -2.80 -5.51 -5.96
C VAL A 26 -3.80 -6.34 -6.75
N TYR A 27 -4.96 -6.57 -6.16
CA TYR A 27 -5.98 -7.47 -6.71
C TYR A 27 -7.22 -6.69 -7.05
N TRP A 28 -7.59 -6.68 -8.33
CA TRP A 28 -8.78 -5.99 -8.81
C TRP A 28 -9.96 -6.92 -9.02
N GLY A 29 -9.73 -8.24 -8.98
CA GLY A 29 -10.78 -9.18 -9.23
C GLY A 29 -10.28 -10.36 -10.03
N PRO A 30 -11.13 -11.39 -10.14
CA PRO A 30 -10.70 -12.64 -10.81
C PRO A 30 -10.31 -12.40 -12.26
N GLY A 31 -9.08 -12.74 -12.58
CA GLY A 31 -8.58 -12.61 -13.93
C GLY A 31 -8.45 -11.19 -14.45
N HIS A 32 -8.56 -10.20 -13.58
N HIS A 32 -8.54 -10.20 -13.58
CA HIS A 32 -8.39 -8.81 -14.00
CA HIS A 32 -8.41 -8.82 -14.03
C HIS A 32 -6.95 -8.59 -14.46
C HIS A 32 -6.96 -8.56 -14.45
N PRO A 33 -6.72 -8.05 -15.66
CA PRO A 33 -5.34 -7.90 -16.15
C PRO A 33 -4.47 -6.98 -15.29
N LEU A 34 -5.05 -6.05 -14.53
CA LEU A 34 -4.24 -5.19 -13.70
C LEU A 34 -3.75 -5.84 -12.41
N ASN A 35 -4.15 -7.08 -12.12
CA ASN A 35 -3.62 -7.73 -10.91
C ASN A 35 -2.11 -7.89 -11.04
N VAL A 36 -1.38 -7.50 -10.01
CA VAL A 36 0.08 -7.57 -10.05
C VAL A 36 0.61 -8.08 -8.72
N GLY A 37 1.71 -8.84 -8.81
CA GLY A 37 2.53 -9.21 -7.68
C GLY A 37 3.98 -8.96 -8.04
N ILE A 38 4.58 -7.90 -7.51
CA ILE A 38 5.91 -7.48 -7.94
C ILE A 38 6.78 -7.20 -6.72
N ARG A 39 8.08 -7.18 -6.96
CA ARG A 39 9.05 -6.96 -5.90
C ARG A 39 9.11 -5.48 -5.51
N LEU A 40 9.26 -5.22 -4.21
CA LEU A 40 9.47 -3.87 -3.74
C LEU A 40 10.93 -3.49 -3.91
N PRO A 41 11.24 -2.40 -4.60
CA PRO A 41 12.63 -1.92 -4.65
C PRO A 41 12.95 -1.13 -3.38
N GLY A 42 14.24 -0.91 -3.15
CA GLY A 42 14.66 -0.10 -2.03
C GLY A 42 14.72 -0.89 -0.74
N ARG A 43 14.61 -0.17 0.39
CA ARG A 43 14.59 -0.80 1.70
C ARG A 43 13.49 -1.85 1.78
N GLN A 44 13.85 -3.03 2.28
CA GLN A 44 12.93 -4.18 2.31
C GLN A 44 12.29 -4.26 3.70
N THR A 45 11.09 -3.70 3.85
CA THR A 45 10.33 -3.81 5.10
C THR A 45 8.86 -4.06 4.79
N ASN A 46 8.14 -4.55 5.80
CA ASN A 46 6.70 -4.73 5.66
C ASN A 46 5.98 -3.39 5.54
N GLN A 47 6.42 -2.38 6.30
CA GLN A 47 5.75 -1.10 6.29
C GLN A 47 5.86 -0.42 4.93
N ARG A 48 7.07 -0.44 4.34
CA ARG A 48 7.22 0.15 3.00
C ARG A 48 6.38 -0.61 1.97
N ALA A 49 6.32 -1.94 2.10
CA ALA A 49 5.55 -2.73 1.15
C ALA A 49 4.07 -2.39 1.23
N GLU A 50 3.53 -2.26 2.45
CA GLU A 50 2.13 -1.93 2.60
C GLU A 50 1.81 -0.56 2.03
N ILE A 51 2.73 0.40 2.15
CA ILE A 51 2.48 1.73 1.59
C ILE A 51 2.49 1.68 0.07
N HIS A 52 3.50 1.02 -0.51
N HIS A 52 3.47 0.99 -0.52
CA HIS A 52 3.66 1.02 -1.96
CA HIS A 52 3.61 1.06 -1.97
C HIS A 52 2.61 0.18 -2.66
C HIS A 52 2.71 0.09 -2.71
N ALA A 53 2.11 -0.88 -2.00
CA ALA A 53 0.99 -1.62 -2.57
C ALA A 53 -0.21 -0.71 -2.79
N ALA A 54 -0.50 0.17 -1.81
CA ALA A 54 -1.55 1.16 -2.01
C ALA A 54 -1.18 2.16 -3.09
N CYS A 55 0.10 2.57 -3.13
CA CYS A 55 0.58 3.47 -4.18
C CYS A 55 0.30 2.88 -5.56
N LYS A 56 0.73 1.62 -5.77
CA LYS A 56 0.55 0.95 -7.05
C LYS A 56 -0.92 0.92 -7.47
N ALA A 57 -1.82 0.55 -6.54
CA ALA A 57 -3.24 0.50 -6.89
C ALA A 57 -3.75 1.86 -7.35
N ILE A 58 -3.29 2.92 -6.70
CA ILE A 58 -3.79 4.25 -7.07
C ILE A 58 -3.26 4.65 -8.45
N GLU A 59 -1.97 4.42 -8.70
N GLU A 59 -1.97 4.42 -8.70
CA GLU A 59 -1.41 4.71 -10.02
CA GLU A 59 -1.43 4.72 -10.02
C GLU A 59 -2.15 3.95 -11.11
C GLU A 59 -2.16 3.95 -11.10
N GLN A 60 -2.44 2.67 -10.87
CA GLN A 60 -3.19 1.88 -11.84
C GLN A 60 -4.57 2.46 -12.05
N ALA A 61 -5.22 2.88 -10.97
CA ALA A 61 -6.52 3.53 -11.07
C ALA A 61 -6.44 4.77 -11.96
N LYS A 62 -5.38 5.57 -11.81
CA LYS A 62 -5.29 6.77 -12.65
C LYS A 62 -5.16 6.40 -14.13
N THR A 63 -4.36 5.37 -14.45
CA THR A 63 -4.21 4.97 -15.85
C THR A 63 -5.53 4.50 -16.46
N GLN A 64 -6.49 4.08 -15.64
CA GLN A 64 -7.82 3.71 -16.11
C GLN A 64 -8.83 4.85 -15.97
N ASN A 65 -8.37 6.06 -15.61
CA ASN A 65 -9.22 7.23 -15.38
C ASN A 65 -10.24 6.98 -14.28
N ILE A 66 -9.84 6.23 -13.25
CA ILE A 66 -10.67 5.95 -12.09
C ILE A 66 -10.26 6.90 -10.97
N ASN A 67 -11.19 7.73 -10.51
CA ASN A 67 -10.89 8.66 -9.42
C ASN A 67 -11.71 8.40 -8.17
N LYS A 68 -12.42 7.27 -8.09
CA LYS A 68 -13.17 6.88 -6.90
C LYS A 68 -12.81 5.43 -6.59
N LEU A 69 -12.12 5.22 -5.47
CA LEU A 69 -11.50 3.95 -5.13
C LEU A 69 -11.93 3.52 -3.74
N VAL A 70 -12.36 2.27 -3.62
CA VAL A 70 -12.54 1.60 -2.34
C VAL A 70 -11.31 0.73 -2.16
N LEU A 71 -10.36 1.16 -1.33
CA LEU A 71 -9.06 0.53 -1.22
C LEU A 71 -8.96 -0.22 0.09
N TYR A 72 -8.84 -1.56 0.00
CA TYR A 72 -8.71 -2.43 1.16
C TYR A 72 -7.25 -2.75 1.46
N THR A 73 -6.86 -2.62 2.72
CA THR A 73 -5.54 -3.06 3.19
C THR A 73 -5.70 -3.48 4.64
N ASN A 74 -4.80 -4.32 5.11
CA ASN A 74 -4.85 -4.67 6.53
C ASN A 74 -3.95 -3.77 7.38
N SER A 75 -3.31 -2.77 6.77
CA SER A 75 -2.32 -1.94 7.44
C SER A 75 -3.00 -0.69 7.98
N MET A 76 -3.34 -0.72 9.27
CA MET A 76 -3.82 0.50 9.95
C MET A 76 -2.74 1.57 9.96
N PHE A 77 -1.47 1.17 9.92
CA PHE A 77 -0.36 2.12 9.85
C PHE A 77 -0.44 2.95 8.56
N THR A 78 -0.69 2.28 7.43
CA THR A 78 -0.88 2.98 6.17
C THR A 78 -2.12 3.84 6.19
N ILE A 79 -3.26 3.26 6.62
CA ILE A 79 -4.52 4.00 6.58
C ILE A 79 -4.46 5.21 7.47
N ASN A 80 -4.03 5.04 8.73
CA ASN A 80 -3.96 6.16 9.64
C ASN A 80 -2.89 7.15 9.21
N GLY A 81 -1.79 6.66 8.64
CA GLY A 81 -0.81 7.57 8.08
C GLY A 81 -1.40 8.52 7.06
N ILE A 82 -2.09 7.97 6.06
CA ILE A 82 -2.51 8.79 4.92
C ILE A 82 -3.75 9.62 5.23
N THR A 83 -4.63 9.15 6.13
CA THR A 83 -5.83 9.90 6.46
C THR A 83 -5.66 10.84 7.66
N ASN A 84 -4.58 10.69 8.43
N ASN A 84 -4.57 10.72 8.41
CA ASN A 84 -4.44 11.48 9.65
CA ASN A 84 -4.44 11.54 9.60
C ASN A 84 -3.03 12.08 9.75
C ASN A 84 -3.02 12.09 9.76
N TRP A 85 -2.03 11.20 9.85
CA TRP A 85 -0.69 11.65 10.24
C TRP A 85 -0.02 12.53 9.20
N VAL A 86 -0.29 12.30 7.91
CA VAL A 86 0.40 13.07 6.88
C VAL A 86 0.07 14.55 6.99
N GLN A 87 -1.19 14.90 7.26
CA GLN A 87 -1.55 16.30 7.46
C GLN A 87 -0.74 16.92 8.59
N GLY A 88 -0.64 16.21 9.71
CA GLY A 88 0.19 16.70 10.81
C GLY A 88 1.65 16.82 10.42
N TRP A 89 2.16 15.87 9.62
CA TRP A 89 3.58 15.86 9.28
C TRP A 89 3.93 16.99 8.33
N LYS A 90 3.05 17.29 7.37
CA LYS A 90 3.34 18.41 6.49
C LYS A 90 3.37 19.73 7.24
N LYS A 91 2.68 19.80 8.39
CA LYS A 91 2.62 21.03 9.17
C LYS A 91 3.76 21.17 10.17
N ASN A 92 4.33 20.05 10.63
CA ASN A 92 5.34 20.06 11.70
C ASN A 92 6.72 19.62 11.22
N GLY A 93 6.93 19.49 9.91
CA GLY A 93 8.23 19.11 9.41
C GLY A 93 8.51 17.62 9.46
N TRP A 94 7.47 16.80 9.42
CA TRP A 94 7.61 15.34 9.35
C TRP A 94 8.35 14.80 10.57
N LYS A 95 7.78 15.09 11.73
CA LYS A 95 8.33 14.67 13.02
C LYS A 95 7.31 13.80 13.73
N THR A 96 7.76 12.70 14.30
CA THR A 96 6.85 11.82 15.03
C THR A 96 6.46 12.48 16.36
N SER A 97 5.56 11.82 17.10
CA SER A 97 5.20 12.32 18.43
C SER A 97 6.35 12.21 19.41
N ALA A 98 7.35 11.38 19.12
CA ALA A 98 8.58 11.34 19.91
C ALA A 98 9.59 12.40 19.47
N GLY A 99 9.21 13.29 18.55
CA GLY A 99 10.12 14.31 18.04
C GLY A 99 11.17 13.81 17.08
N LYS A 100 11.04 12.59 16.57
CA LYS A 100 12.03 11.99 15.68
C LYS A 100 11.56 12.11 14.22
N GLU A 101 12.48 11.84 13.30
CA GLU A 101 12.12 11.92 11.88
C GLU A 101 11.23 10.74 11.49
N VAL A 102 10.28 10.99 10.59
CA VAL A 102 9.43 9.93 10.06
C VAL A 102 10.30 9.05 9.16
N ILE A 103 10.36 7.75 9.47
N ILE A 103 10.35 7.75 9.47
CA ILE A 103 11.30 6.86 8.79
CA ILE A 103 11.30 6.86 8.79
C ILE A 103 10.95 6.71 7.32
C ILE A 103 10.96 6.69 7.32
N ASN A 104 9.67 6.54 7.01
CA ASN A 104 9.21 6.32 5.63
C ASN A 104 8.65 7.58 5.00
N LYS A 105 9.28 8.72 5.31
CA LYS A 105 8.78 10.02 4.85
C LYS A 105 8.57 10.03 3.35
N GLU A 106 9.57 9.59 2.59
CA GLU A 106 9.50 9.66 1.13
C GLU A 106 8.40 8.78 0.56
N ASP A 107 8.03 7.70 1.27
CA ASP A 107 6.95 6.85 0.78
C ASP A 107 5.60 7.46 1.07
N PHE A 108 5.44 8.07 2.25
CA PHE A 108 4.19 8.77 2.53
C PHE A 108 4.04 10.00 1.65
N VAL A 109 5.15 10.67 1.33
CA VAL A 109 5.10 11.80 0.38
C VAL A 109 4.58 11.31 -0.96
N ALA A 110 5.14 10.20 -1.46
CA ALA A 110 4.73 9.67 -2.76
C ALA A 110 3.27 9.28 -2.73
N LEU A 111 2.82 8.61 -1.66
CA LEU A 111 1.42 8.23 -1.58
C LEU A 111 0.50 9.45 -1.48
N GLU A 112 0.87 10.41 -0.62
CA GLU A 112 0.12 11.67 -0.51
C GLU A 112 -0.06 12.32 -1.87
N ARG A 113 0.99 12.30 -2.70
N ARG A 113 0.98 12.28 -2.71
CA ARG A 113 0.89 12.88 -4.04
CA ARG A 113 0.90 12.88 -4.03
C ARG A 113 -0.08 12.10 -4.92
C ARG A 113 -0.04 12.09 -4.94
N LEU A 114 -0.07 10.77 -4.79
CA LEU A 114 -0.95 9.95 -5.62
C LEU A 114 -2.42 10.11 -5.25
N THR A 115 -2.72 10.46 -4.00
CA THR A 115 -4.11 10.66 -3.61
C THR A 115 -4.70 11.97 -4.12
N GLN A 116 -3.87 12.88 -4.64
CA GLN A 116 -4.40 14.12 -5.22
C GLN A 116 -5.37 13.83 -6.35
N GLY A 117 -6.54 14.45 -6.29
CA GLY A 117 -7.56 14.24 -7.30
C GLY A 117 -8.29 12.92 -7.20
N MET A 118 -8.10 12.16 -6.11
CA MET A 118 -8.79 10.90 -5.90
C MET A 118 -9.74 11.00 -4.72
N ASP A 119 -10.89 10.32 -4.85
CA ASP A 119 -11.85 10.09 -3.77
C ASP A 119 -11.67 8.64 -3.34
N ILE A 120 -10.94 8.42 -2.24
CA ILE A 120 -10.59 7.09 -1.80
C ILE A 120 -11.28 6.80 -0.48
N GLN A 121 -12.02 5.69 -0.44
CA GLN A 121 -12.56 5.16 0.81
C GLN A 121 -11.57 4.13 1.32
N TRP A 122 -10.80 4.50 2.34
CA TRP A 122 -9.78 3.64 2.89
C TRP A 122 -10.43 2.64 3.85
N MET A 123 -10.23 1.35 3.62
CA MET A 123 -10.92 0.34 4.39
C MET A 123 -9.92 -0.64 4.98
N HIS A 124 -10.08 -0.95 6.25
CA HIS A 124 -9.24 -1.94 6.90
C HIS A 124 -9.89 -3.29 6.72
N VAL A 125 -9.14 -4.25 6.19
CA VAL A 125 -9.64 -5.61 6.12
C VAL A 125 -9.27 -6.28 7.44
N PRO A 126 -10.22 -6.90 8.14
CA PRO A 126 -9.96 -7.44 9.48
C PRO A 126 -8.79 -8.43 9.55
N GLY A 127 -8.20 -8.80 8.41
CA GLY A 127 -7.05 -9.68 8.41
C GLY A 127 -7.37 -11.08 8.86
N HIS A 128 -7.24 -12.05 7.94
CA HIS A 128 -7.78 -13.41 8.09
C HIS A 128 -9.19 -13.36 8.70
N SER A 129 -10.18 -13.10 7.84
CA SER A 129 -11.57 -13.02 8.28
C SER A 129 -12.51 -13.25 7.11
N GLY A 130 -12.10 -14.08 6.15
CA GLY A 130 -12.97 -14.55 5.09
C GLY A 130 -13.02 -13.70 3.85
N PHE A 131 -12.26 -12.62 3.79
CA PHE A 131 -12.25 -11.74 2.61
C PHE A 131 -11.30 -12.33 1.59
N ILE A 132 -11.86 -12.95 0.54
CA ILE A 132 -11.03 -13.59 -0.48
C ILE A 132 -10.17 -12.56 -1.20
N GLY A 133 -10.65 -11.33 -1.33
CA GLY A 133 -9.83 -10.30 -1.98
C GLY A 133 -8.53 -10.07 -1.25
N ASN A 134 -8.57 -10.06 0.08
CA ASN A 134 -7.35 -9.96 0.87
C ASN A 134 -6.44 -11.16 0.62
N GLU A 135 -7.00 -12.36 0.64
CA GLU A 135 -6.20 -13.55 0.38
C GLU A 135 -5.59 -13.53 -1.00
N GLU A 136 -6.31 -13.02 -1.99
CA GLU A 136 -5.75 -12.96 -3.34
C GLU A 136 -4.63 -11.94 -3.41
N ALA A 137 -4.81 -10.80 -2.75
CA ALA A 137 -3.76 -9.78 -2.73
C ALA A 137 -2.52 -10.29 -1.99
N ASP A 138 -2.73 -10.96 -0.84
CA ASP A 138 -1.61 -11.57 -0.12
C ASP A 138 -0.84 -12.53 -1.00
N ARG A 139 -1.55 -13.39 -1.73
CA ARG A 139 -0.87 -14.36 -2.58
C ARG A 139 -0.01 -13.67 -3.62
N LEU A 140 -0.54 -12.62 -4.25
CA LEU A 140 0.24 -11.86 -5.22
C LEU A 140 1.43 -11.19 -4.57
N ALA A 141 1.25 -10.66 -3.35
CA ALA A 141 2.38 -10.03 -2.66
C ALA A 141 3.51 -11.04 -2.45
N ARG A 142 3.18 -12.26 -2.05
N ARG A 142 3.17 -12.25 -2.01
CA ARG A 142 4.21 -13.25 -1.80
CA ARG A 142 4.18 -13.28 -1.81
C ARG A 142 4.87 -13.73 -3.09
C ARG A 142 4.89 -13.64 -3.11
N GLU A 143 4.14 -13.72 -4.21
CA GLU A 143 4.76 -13.97 -5.51
C GLU A 143 5.78 -12.90 -5.85
N GLY A 144 5.45 -11.64 -5.58
CA GLY A 144 6.35 -10.55 -5.93
C GLY A 144 7.61 -10.54 -5.10
N ALA A 145 7.49 -10.95 -3.83
CA ALA A 145 8.65 -11.03 -2.95
C ALA A 145 9.69 -12.03 -3.44
N LYS A 146 9.30 -13.00 -4.27
CA LYS A 146 10.29 -13.93 -4.83
C LYS A 146 11.06 -13.36 -6.00
N GLN A 147 10.58 -12.27 -6.59
CA GLN A 147 11.20 -11.70 -7.77
C GLN A 147 12.35 -10.76 -7.40
N SER A 148 13.10 -10.34 -8.41
CA SER A 148 14.25 -9.45 -8.23
C SER A 148 13.82 -7.99 -8.24
N GLU A 149 14.58 -7.17 -7.54
CA GLU A 149 14.27 -5.74 -7.47
C GLU A 149 15.14 -4.94 -8.42
N1 OMC C 1 -3.58 -23.23 13.77
C2 OMC C 1 -2.44 -24.12 13.94
N3 OMC C 1 -1.30 -24.05 13.08
C4 OMC C 1 -1.28 -23.15 12.08
C5 OMC C 1 -2.41 -22.25 11.88
C6 OMC C 1 -3.50 -22.31 12.72
O2 OMC C 1 -2.49 -24.92 14.86
N4 OMC C 1 -0.15 -23.14 11.27
C1' OMC C 1 -4.80 -23.28 14.69
C2' OMC C 1 -4.54 -22.88 16.16
O2' OMC C 1 -5.41 -23.63 16.97
CM2 OMC C 1 -4.94 -24.92 17.28
C3' OMC C 1 -4.90 -21.36 16.16
C4' OMC C 1 -6.11 -21.34 15.18
O4' OMC C 1 -5.84 -22.39 14.27
O3' OMC C 1 -5.27 -20.95 17.44
C5' OMC C 1 -6.25 -19.97 14.42
O5' OMC C 1 -5.38 -19.89 13.31
C N7X C 2 0.63 -25.82 20.68
C1 N7X C 2 -0.13 -27.09 21.19
C1' N7X C 2 -0.62 -24.09 18.54
C12 N7X C 2 -1.90 -27.39 19.13
C2 N7X C 2 1.18 -23.78 16.72
C2' N7X C 2 0.04 -23.61 19.89
C3' N7X C 2 -0.91 -22.42 20.20
C4 N7X C 2 1.05 -22.20 14.98
C4' N7X C 2 -2.28 -23.05 19.85
C5 N7X C 2 -0.22 -21.73 15.47
C5' N7X C 2 -3.30 -21.90 19.59
C6 N7X C 2 -0.72 -22.35 16.60
C7 N7X C 2 -0.94 -20.62 14.76
N1 N7X C 2 -0.08 -23.40 17.27
N3 N7X C 2 1.71 -23.19 15.57
N4 N7X C 2 1.68 -21.68 13.85
O12 N7X C 2 -0.87 -27.65 20.08
O2 N7X C 2 1.77 -24.69 17.29
O2' N7X C 2 -0.07 -24.59 20.92
O3' N7X C 2 -0.74 -22.09 21.59
O4' N7X C 2 -1.97 -23.78 18.64
O5' N7X C 2 -2.98 -21.22 18.49
OP2 N7X C 2 -3.17 -19.20 16.98
P N7X C 2 -4.11 -19.98 17.84
S N7X C 2 -4.77 -19.12 19.50
P T39 C 3 -0.04 -20.71 21.75
OP1 T39 C 3 -0.65 -20.61 23.10
OP2 T39 C 3 0.09 -19.43 20.83
O5' T39 C 3 1.45 -21.23 21.99
C5' T39 C 3 1.70 -22.33 22.86
C4' T39 C 3 3.07 -22.89 22.60
O4' T39 C 3 3.12 -23.40 21.24
C3' T39 C 3 4.20 -21.88 22.66
O3' T39 C 3 4.62 -21.61 23.98
C2' T39 C 3 5.27 -22.53 21.79
O2' T39 C 3 5.93 -23.57 22.49
C1' T39 C 3 4.42 -23.20 20.72
N1 T39 C 3 4.31 -22.40 19.48
C2 T39 C 3 5.42 -22.45 18.57
O2 T39 C 3 6.44 -23.07 18.79
N3 T39 C 3 5.24 -21.67 17.38
C4 T39 C 3 4.14 -20.89 16.98
O4 T39 C 3 4.12 -20.30 15.98
C5 T39 C 3 3.07 -20.95 18.04
C7 T39 C 3 1.90 -20.13 17.63
C6 T39 C 3 3.20 -21.66 19.16
CA' T39 C 3 6.62 -24.52 21.66
CD' T39 C 3 7.10 -24.89 24.91
CB' T39 C 3 7.49 -25.43 22.61
OC' T39 C 3 6.76 -25.72 23.78
P C5L C 4 4.97 -20.10 24.43
N1 C5L C 4 8.03 -20.01 20.20
C2 C5L C 4 8.48 -19.75 18.89
O2 C5L C 4 9.62 -20.14 18.60
N3 C5L C 4 7.65 -19.10 17.97
C4 C5L C 4 6.43 -18.71 18.38
N4 C5L C 4 5.65 -18.07 17.43
C5 C5L C 4 5.92 -18.93 19.70
C6 C5L C 4 6.77 -19.59 20.58
C7 C5L C 4 4.56 -18.50 20.12
C1' C5L C 4 8.98 -20.70 21.12
C2' C5L C 4 9.93 -19.71 21.79
O2' C5L C 4 11.22 -20.23 21.54
C3' C5L C 4 9.17 -19.43 23.08
O3' C5L C 4 9.93 -18.83 24.10
C4' C5L C 4 8.64 -20.80 23.43
O4' C5L C 4 8.26 -21.35 22.15
C5' C5L C 4 7.47 -20.81 24.38
O5' C5L C 4 6.46 -19.92 23.94
CA' C5L C 4 12.32 -20.54 20.69
CB' C5L C 4 13.24 -21.25 21.70
OC' C5L C 4 13.01 -20.67 23.00
CD' C5L C 4 12.77 -21.61 24.02
OP1 C5L C 4 4.96 -20.08 25.94
OP2 C5L C 4 4.10 -19.13 23.67
P A2M C 5 9.91 -17.22 24.24
OP1 A2M C 5 10.66 -16.74 25.45
O5' A2M C 5 11.03 -16.65 22.88
C5' A2M C 5 12.27 -17.01 22.82
C4' A2M C 5 12.82 -16.73 21.38
O4' A2M C 5 12.15 -17.29 20.29
C3' A2M C 5 12.82 -15.22 21.08
O3' A2M C 5 13.82 -14.48 21.78
C2' A2M C 5 13.17 -15.33 19.56
O2' A2M C 5 14.34 -15.26 18.83
C1' A2M C 5 12.06 -16.44 19.15
CM' A2M C 5 15.30 -14.24 18.63
N9 A2M C 5 10.60 -16.18 18.94
C8 A2M C 5 9.58 -16.35 19.92
N7 A2M C 5 8.35 -16.00 19.40
C5 A2M C 5 8.58 -15.58 18.06
C6 A2M C 5 7.70 -15.10 17.02
N6 A2M C 5 6.33 -14.93 17.13
N1 A2M C 5 8.28 -14.79 15.81
C2 A2M C 5 9.65 -14.94 15.66
N3 A2M C 5 10.54 -15.38 16.58
C4 A2M C 5 9.98 -15.70 17.78
OP2 A2M C 5 8.58 -16.60 23.88
N1 SC C 6 10.28 -11.57 16.88
C2 SC C 6 9.64 -11.28 15.63
N3 SC C 6 8.14 -11.31 15.63
C4 SC C 6 7.37 -11.59 16.72
C5 SC C 6 8.08 -11.86 18.02
C6 SC C 6 9.48 -11.84 18.04
O2 SC C 6 10.30 -11.03 14.63
N4 SC C 6 5.89 -11.59 16.67
C1' SC C 6 11.76 -11.52 16.85
C2' SC C 6 12.31 -10.10 16.69
C3' SC C 6 12.63 -9.74 18.13
C4' SC C 6 13.15 -11.02 18.69
O4' SC C 6 12.37 -12.03 18.01
O3' SC C 6 13.63 -8.73 18.18
C5' SC C 6 13.06 -11.17 20.18
O5' SC C 6 13.49 -12.46 20.53
P SC C 6 13.44 -13.00 22.04
OP1 SC C 6 12.25 -12.52 22.65
S2P SC C 6 15.04 -12.28 22.98
P PST C 7 13.35 -7.20 18.13
OP2 PST C 7 12.09 -6.94 18.84
SP PST C 7 15.09 -6.41 18.51
O5' PST C 7 13.05 -6.99 16.56
C5' PST C 7 14.02 -7.29 15.54
C4' PST C 7 13.52 -6.90 14.18
O4' PST C 7 12.20 -7.50 14.00
C3' PST C 7 13.25 -5.41 14.03
O3' PST C 7 13.56 -4.97 12.71
C2' PST C 7 11.77 -5.25 14.13
C1' PST C 7 11.23 -6.59 13.65
N1 PST C 7 9.88 -7.03 14.39
C2 PST C 7 8.66 -7.02 13.68
O2 PST C 7 8.58 -6.71 12.48
N3 PST C 7 7.44 -7.42 14.36
C4 PST C 7 7.49 -7.80 15.76
O4 PST C 7 6.43 -8.12 16.29
C5 PST C 7 8.80 -7.78 16.48
C5M PST C 7 8.83 -8.19 18.00
C6 PST C 7 9.91 -7.40 15.77
N1 SC C 8 7.71 -3.28 12.50
C2 SC C 8 6.29 -3.35 12.45
N3 SC C 8 5.62 -3.77 13.72
C4 SC C 8 6.27 -4.07 14.87
C5 SC C 8 7.77 -3.99 14.88
C6 SC C 8 8.42 -3.62 13.70
O2 SC C 8 5.66 -3.08 11.42
N4 SC C 8 5.53 -4.47 16.10
C1' SC C 8 8.33 -2.92 11.25
C2' SC C 8 8.98 -1.54 11.24
C3' SC C 8 10.06 -1.73 10.16
C4' SC C 8 10.26 -3.24 10.01
O4' SC C 8 9.37 -3.79 10.97
O3' SC C 8 9.59 -1.17 8.92
C5' SC C 8 11.62 -3.71 10.29
O5' SC C 8 11.93 -3.32 11.60
P SC C 8 13.38 -3.51 12.22
OP1 SC C 8 13.59 -2.55 13.23
S2P SC C 8 14.76 -3.49 10.81
N1 SC C 10 3.71 4.23 14.93
C2 SC C 10 2.74 3.43 15.62
N3 SC C 10 3.25 2.56 16.66
C4 SC C 10 4.53 2.44 17.04
C5 SC C 10 5.56 3.27 16.30
C6 SC C 10 5.10 4.13 15.27
O2 SC C 10 1.55 3.49 15.36
N4 SC C 10 4.89 1.51 18.10
C1' SC C 10 3.14 5.07 13.87
C2' SC C 10 2.55 6.36 14.42
C3' SC C 10 3.68 7.35 14.12
C4' SC C 10 4.29 6.87 12.86
O4' SC C 10 4.07 5.45 12.88
O3' SC C 10 3.13 8.66 13.95
C5' SC C 10 5.74 7.17 12.67
O5' SC C 10 6.07 6.93 11.32
P SC C 10 7.34 6.05 10.98
OP1 SC C 10 8.54 6.73 11.35
S2P SC C 10 7.33 5.57 9.11
N1 SC C 11 1.03 6.50 18.69
C2 SC C 11 0.80 5.74 19.83
N3 SC C 11 1.94 4.89 20.30
C4 SC C 11 3.15 4.82 19.71
C5 SC C 11 3.35 5.64 18.49
C6 SC C 11 2.28 6.44 18.05
O2 SC C 11 -0.29 5.78 20.40
N4 SC C 11 4.22 3.95 20.25
C1' SC C 11 -0.14 7.29 18.26
C2' SC C 11 -0.24 8.63 18.96
C3' SC C 11 -0.21 9.67 17.83
C4' SC C 11 -0.32 8.90 16.54
O4' SC C 11 -0.14 7.52 16.90
O3' SC C 11 -1.32 10.57 18.01
C5' SC C 11 0.68 9.28 15.47
O5' SC C 11 1.98 9.07 15.98
P SC C 11 3.25 9.60 15.18
OP1 SC C 11 4.35 9.66 16.07
S2P SC C 11 2.80 11.40 14.48
P C7R C 12 -1.14 12.00 18.62
C5' C7R C 12 0.50 11.61 20.66
O5' C7R C 12 -0.85 11.60 20.13
C4' C7R C 12 0.35 11.18 22.11
O4' C7R C 12 0.16 9.75 22.18
C3' C7R C 12 1.45 11.50 23.12
O3' C7R C 12 1.30 12.83 23.60
C2' C7R C 12 1.11 10.48 24.19
C1' C7R C 12 0.65 9.26 23.41
N1 C7R C 12 1.77 8.33 23.19
C2 C7R C 12 2.12 7.45 24.22
O2 C7R C 12 1.47 7.47 25.28
N3 C7R C 12 3.20 6.56 24.03
C4 C7R C 12 3.89 6.57 22.90
N4 C7R C 12 4.89 5.69 22.79
C5 C7R C 12 3.55 7.46 21.84
C6 C7R C 12 2.52 8.28 22.04
OP1 C7R C 12 -2.47 12.44 18.58
SP2 C7R C 12 0.32 13.07 17.90
P AS C 13 2.70 13.36 24.02
OP1 AS C 13 3.96 12.61 23.89
S2P AS C 13 2.91 15.31 24.00
O5' AS C 13 2.34 13.10 25.55
C5' AS C 13 3.37 12.82 26.44
C4' AS C 13 2.77 12.10 27.72
O4' AS C 13 2.47 10.74 27.30
C3' AS C 13 3.86 11.89 28.74
O3' AS C 13 3.83 12.85 29.76
C2' AS C 13 3.49 10.55 29.38
C1' AS C 13 3.04 9.81 28.11
N9 AS C 13 4.10 9.12 27.22
C8 AS C 13 4.38 9.55 25.89
N7 AS C 13 5.33 8.78 25.31
C5 AS C 13 5.71 7.82 26.29
C6 AS C 13 6.65 6.74 26.29
N6 AS C 13 7.48 6.40 25.24
N1 AS C 13 6.74 5.99 27.46
C2 AS C 13 5.95 6.32 28.52
N3 AS C 13 5.03 7.29 28.62
C4 AS C 13 4.91 8.05 27.48
N1 SC C 14 7.94 9.07 29.89
C2 SC C 14 8.84 8.00 29.61
N3 SC C 14 9.37 7.97 28.22
C4 SC C 14 9.07 8.82 27.23
C5 SC C 14 8.12 9.92 27.55
C6 SC C 14 7.60 10.00 28.87
O2 SC C 14 9.15 7.18 30.47
N4 SC C 14 9.67 8.66 25.89
C1' SC C 14 7.46 9.07 31.29
C2' SC C 14 8.51 9.67 32.20
C3' SC C 14 8.03 11.09 32.35
C4' SC C 14 6.54 10.95 32.37
O4' SC C 14 6.28 9.79 31.54
O3' SC C 14 8.51 11.62 33.58
C5' SC C 14 5.74 12.15 31.92
O5' SC C 14 6.14 12.61 30.65
P SC C 14 5.19 13.61 29.85
OP1 SC C 14 5.86 14.12 28.71
S2P SC C 14 4.60 15.08 31.05
P PST C 15 9.89 12.30 33.38
OP2 PST C 15 10.25 12.94 32.10
SP PST C 15 9.82 13.36 35.03
O5' PST C 15 10.95 11.13 33.58
C5' PST C 15 10.91 10.22 34.70
C4' PST C 15 11.98 9.17 34.58
O4' PST C 15 11.69 8.36 33.42
C3' PST C 15 13.33 9.71 34.18
O3' PST C 15 14.16 10.09 35.27
C2' PST C 15 13.97 8.49 33.60
C1' PST C 15 12.84 7.88 32.82
N1 PST C 15 12.84 8.30 31.26
C2 PST C 15 13.58 7.51 30.37
O2 PST C 15 14.22 6.50 30.73
N3 PST C 15 13.60 7.86 28.96
C4 PST C 15 12.87 9.02 28.50
O4 PST C 15 12.93 9.27 27.29
C5 PST C 15 12.11 9.86 29.46
C5M PST C 15 11.35 11.09 28.90
C6 PST C 15 12.13 9.46 30.79
C2 OKQ C 16 17.72 8.19 29.61
C4 OKQ C 16 16.34 10.03 28.75
C5 OKQ C 16 15.90 10.29 30.13
C6 OKQ C 16 16.39 9.49 31.17
O2 OKQ C 16 18.51 7.27 29.44
C1' OKQ C 16 17.90 7.50 32.09
C2' OKQ C 16 19.33 7.73 32.57
C3' OKQ C 16 19.15 8.76 33.66
C4' OKQ C 16 17.90 8.18 34.34
C5' OKQ C 16 17.17 9.16 35.22
CM2 OKQ C 16 20.59 5.74 32.32
N1 OKQ C 16 17.27 8.44 30.97
N3 OKQ C 16 17.20 9.02 28.54
N4 OKQ C 16 15.87 10.81 27.64
O2' OKQ C 16 19.92 6.60 33.18
O3' OKQ C 16 20.41 8.87 34.52
O4' OKQ C 16 17.13 7.81 33.22
O5' OKQ C 16 16.47 10.10 34.38
P1 OKQ C 16 15.34 11.06 34.97
O1 OKQ C 16 15.19 12.21 34.04
S1 OKQ C 16 15.73 11.42 36.88
C RFJ C 17 24.32 7.05 27.53
C1' RFJ C 17 22.11 8.46 29.30
C2 RFJ C 17 21.33 10.09 25.03
C2' RFJ C 17 23.54 8.78 28.99
C3' RFJ C 17 24.01 9.54 30.16
C4 RFJ C 17 21.14 9.88 27.44
C4' RFJ C 17 23.26 8.96 31.32
C5 RFJ C 17 20.10 10.94 27.35
C5' RFJ C 17 22.85 10.04 32.26
C6 RFJ C 17 19.74 11.53 26.03
C8 RFJ C 17 20.38 10.36 29.59
N1 RFJ C 17 20.37 11.08 24.93
N2 RFJ C 17 22.01 9.63 23.83
N3 RFJ C 17 21.71 9.52 26.19
N7 RFJ C 17 19.64 11.19 28.72
N9 RFJ C 17 21.26 9.52 28.84
O2' RFJ C 17 24.26 7.55 28.83
O3' RFJ C 17 25.42 9.41 30.40
O4' RFJ C 17 22.05 8.32 30.76
O5' RFJ C 17 21.73 9.51 32.96
O6 RFJ C 17 18.77 12.53 25.91
OP2 RFJ C 17 20.72 11.61 33.97
P RFJ C 17 21.11 10.23 34.23
S RFJ C 17 22.39 10.27 35.76
C2 OKQ C 18 23.84 12.25 24.31
C4 OKQ C 18 22.38 13.53 25.80
C5 OKQ C 18 23.03 12.87 26.95
C6 OKQ C 18 24.04 11.94 26.72
O2 OKQ C 18 24.23 11.95 23.19
C1' OKQ C 18 25.65 10.57 25.07
C2' OKQ C 18 27.03 11.10 24.80
C3' OKQ C 18 27.64 11.12 26.19
C4' OKQ C 18 27.14 9.73 26.70
C5' OKQ C 18 27.12 9.57 28.22
CM2 OKQ C 18 27.51 10.26 22.63
N1 OKQ C 18 24.48 11.58 25.45
N3 OKQ C 18 22.79 13.20 24.57
N4 OKQ C 18 21.31 14.51 25.95
O2' OKQ C 18 27.81 10.23 24.00
O3' OKQ C 18 29.14 11.38 26.10
O4' OKQ C 18 25.81 9.72 26.19
O5' OKQ C 18 26.37 10.67 28.79
P1 OKQ C 18 26.13 10.80 30.37
O1 OKQ C 18 25.49 12.12 30.59
S1 OKQ C 18 27.85 10.42 31.29
C2 OKQ C 19 25.37 16.18 22.27
C4 OKQ C 19 24.37 16.37 24.50
C5 OKQ C 19 25.35 15.39 25.01
C6 OKQ C 19 26.28 14.86 24.10
O2 OKQ C 19 25.42 16.48 21.08
C1' OKQ C 19 27.34 14.66 21.63
C2' OKQ C 19 28.49 15.51 21.20
C3' OKQ C 19 29.51 15.23 22.29
C4' OKQ C 19 29.35 13.69 22.37
C5' OKQ C 19 29.87 13.09 23.66
CM2 OKQ C 19 28.25 15.29 18.88
N1 OKQ C 19 26.33 15.19 22.75
N3 OKQ C 19 24.41 16.72 23.21
N4 OKQ C 19 23.37 16.98 25.37
O2' OKQ C 19 29.06 15.08 19.99
O3' OKQ C 19 30.88 15.71 21.89
O4' OKQ C 19 27.95 13.53 22.22
O5' OKQ C 19 29.11 13.58 24.80
P1 OKQ C 19 29.33 12.92 26.25
O1 OKQ C 19 28.50 13.70 27.19
S1 OKQ C 19 31.27 12.78 26.58
P 6NW C 20 31.36 16.84 22.86
SP1 6NW C 20 33.21 16.62 22.22
OP2 6NW C 20 31.11 17.26 24.23
O5' 6NW C 20 30.80 17.94 21.85
C5' 6NW C 20 31.22 18.08 20.50
C4' 6NW C 20 30.42 19.13 19.84
O4' 6NW C 20 29.00 18.90 19.93
C3' 6NW C 20 30.60 20.46 20.59
O3' 6NW C 20 31.65 21.18 20.00
C2' 6NW C 20 29.29 21.23 20.30
O2' 6NW C 20 29.40 21.90 19.04
C1' 6NW C 20 28.23 20.04 20.18
CM' 6NW C 20 29.73 23.25 18.73
N9 6NW C 20 27.46 19.89 21.40
C8 6NW C 20 27.82 19.09 22.50
N7 6NW C 20 26.92 19.11 23.52
C5 6NW C 20 25.89 19.98 23.08
C6 6NW C 20 24.68 20.42 23.69
N6 6NW C 20 24.24 20.04 24.96
N1 6NW C 20 23.89 21.29 22.99
C2 6NW C 20 24.29 21.69 21.74
N3 6NW C 20 25.43 21.34 21.07
C4 6NW C 20 26.24 20.47 21.76
C1 GOL D . 17.00 -8.97 -5.67
O1 GOL D . 17.74 -8.60 -6.78
C2 GOL D . 17.43 -10.41 -5.23
O2 GOL D . 17.22 -10.60 -3.87
C3 GOL D . 16.56 -11.38 -6.10
O3 GOL D . 16.86 -12.69 -5.70
P PO4 E . 18.42 -15.16 9.75
O1 PO4 E . 18.90 -13.79 10.17
O2 PO4 E . 19.52 -15.92 9.06
O3 PO4 E . 17.26 -14.99 8.77
O4 PO4 E . 17.94 -15.95 10.96
C1 PEG F . 7.82 0.84 19.33
O1 PEG F . 7.91 0.68 20.74
C2 PEG F . 7.97 2.27 18.93
O2 PEG F . 7.30 3.09 19.87
C3 PEG F . 7.91 4.36 20.02
C4 PEG F . 7.07 5.39 19.34
O4 PEG F . 6.66 6.40 20.24
#